data_6ML4
#
_entry.id   6ML4
#
_cell.length_a   46.277
_cell.length_b   68.807
_cell.length_c   48.434
_cell.angle_alpha   90.00
_cell.angle_beta   92.40
_cell.angle_gamma   90.00
#
_symmetry.space_group_name_H-M   'P 1 21 1'
#
loop_
_entity.id
_entity.type
_entity.pdbx_description
1 polymer 'Zinc finger and BTB domain-containing protein 24'
2 polymer "DNA (5'-D(*AP*CP*GP*CP*AP*GP*GP*TP*CP*CP*TP*GP*GP*AP*CP*GP*AP*AP*GP*C)-3')"
3 polymer "DNA (5'-D(*TP*GP*CP*TP*TP*CP*GP*TP*CP*CP*AP*GP*GP*AP*CP*CP*TP*GP*CP*G)-3')"
4 non-polymer 'ZINC ION'
5 non-polymer 1,2-ETHANEDIOL
6 water water
#
loop_
_entity_poly.entity_id
_entity_poly.type
_entity_poly.pdbx_seq_one_letter_code
_entity_poly.pdbx_strand_id
1 'polypeptide(L)'
;GPLGSKSFTCDQCGKYFSQKRQLKSHYRVHTGHSLPECSHCHRKFMDVSQLKKHLRTHTGEKPFTCEICGKSFTAKSSLQ
THIRIHRGEKPYSCSICGKCFSDSSAKRRHCILHTGKKPFSCPECGLQFARLDNLKAHLKIHSKEKHTADY
;
A
2 'polydeoxyribonucleotide' (DA)(DC)(DG)(DC)(DA)(DG)(DG)(DT)(DC)(DC)(DT)(DG)(DG)(DA)(DC)(DG)(DA)(DA)(DG)(DC) E
3 'polydeoxyribonucleotide' (DT)(DG)(DC)(DT)(DT)(DC)(DG)(DT)(DC)(DC)(DA)(DG)(DG)(DA)(DC)(DC)(DT)(DG)(DC)(DG) F
#
loop_
_chem_comp.id
_chem_comp.type
_chem_comp.name
_chem_comp.formula
DA DNA linking 2'-DEOXYADENOSINE-5'-MONOPHOSPHATE 'C10 H14 N5 O6 P'
DC DNA linking 2'-DEOXYCYTIDINE-5'-MONOPHOSPHATE 'C9 H14 N3 O7 P'
DG DNA linking 2'-DEOXYGUANOSINE-5'-MONOPHOSPHATE 'C10 H14 N5 O7 P'
DT DNA linking THYMIDINE-5'-MONOPHOSPHATE 'C10 H15 N2 O8 P'
EDO non-polymer 1,2-ETHANEDIOL 'C2 H6 O2'
ZN non-polymer 'ZINC ION' 'Zn 2'
#
# COMPACT_ATOMS: atom_id res chain seq x y z
N GLY A 4 -31.46 4.69 -13.41
CA GLY A 4 -32.89 4.83 -13.57
C GLY A 4 -33.36 4.64 -15.00
N SER A 5 -33.60 3.40 -15.38
CA SER A 5 -33.45 2.26 -14.48
C SER A 5 -32.18 1.46 -14.81
N LYS A 6 -31.75 0.64 -13.85
CA LYS A 6 -30.55 -0.19 -14.01
C LYS A 6 -30.92 -1.62 -13.66
N SER A 7 -30.78 -2.52 -14.63
CA SER A 7 -31.18 -3.91 -14.46
C SER A 7 -30.01 -4.89 -14.44
N PHE A 8 -28.79 -4.43 -14.73
CA PHE A 8 -27.61 -5.29 -14.72
C PHE A 8 -26.84 -5.08 -13.43
N THR A 9 -26.50 -6.18 -12.76
CA THR A 9 -25.81 -6.13 -11.47
C THR A 9 -24.54 -6.96 -11.55
N CYS A 10 -23.50 -6.50 -10.85
CA CYS A 10 -22.24 -7.22 -10.77
C CYS A 10 -22.34 -8.25 -9.64
N ASP A 11 -22.09 -9.51 -9.97
CA ASP A 11 -22.18 -10.56 -8.96
C ASP A 11 -20.99 -10.59 -7.99
N GLN A 12 -20.15 -9.56 -7.99
CA GLN A 12 -19.00 -9.48 -7.10
C GLN A 12 -19.08 -8.33 -6.10
N CYS A 13 -19.50 -7.15 -6.55
CA CYS A 13 -19.62 -5.99 -5.67
C CYS A 13 -21.03 -5.43 -5.59
N GLY A 14 -21.95 -5.88 -6.45
CA GLY A 14 -23.35 -5.47 -6.39
C GLY A 14 -23.69 -4.17 -7.08
N LYS A 15 -22.75 -3.57 -7.81
CA LYS A 15 -23.02 -2.30 -8.47
C LYS A 15 -23.98 -2.50 -9.65
N TYR A 16 -24.78 -1.46 -9.91
CA TYR A 16 -25.81 -1.51 -10.93
C TYR A 16 -25.35 -0.81 -12.19
N PHE A 17 -25.87 -1.27 -13.33
CA PHE A 17 -25.55 -0.70 -14.63
C PHE A 17 -26.78 -0.77 -15.51
N SER A 18 -26.93 0.23 -16.38
CA SER A 18 -28.08 0.29 -17.26
C SER A 18 -27.91 -0.53 -18.52
N GLN A 19 -26.67 -0.80 -18.94
N GLN A 19 -26.66 -0.81 -18.93
CA GLN A 19 -26.40 -1.56 -20.15
CA GLN A 19 -26.37 -1.55 -20.14
C GLN A 19 -25.44 -2.70 -19.84
C GLN A 19 -25.45 -2.71 -19.81
N LYS A 20 -25.60 -3.80 -20.57
CA LYS A 20 -24.75 -4.97 -20.36
C LYS A 20 -23.29 -4.66 -20.68
N ARG A 21 -23.04 -3.80 -21.68
CA ARG A 21 -21.67 -3.43 -22.01
C ARG A 21 -21.01 -2.67 -20.88
N GLN A 22 -21.79 -1.92 -20.10
CA GLN A 22 -21.22 -1.21 -18.95
C GLN A 22 -20.84 -2.19 -17.85
N LEU A 23 -21.64 -3.21 -17.62
CA LEU A 23 -21.30 -4.23 -16.64
C LEU A 23 -20.07 -5.02 -17.06
N LYS A 24 -19.97 -5.35 -18.35
CA LYS A 24 -18.82 -6.12 -18.83
C LYS A 24 -17.53 -5.32 -18.69
N SER A 25 -17.58 -4.02 -18.95
CA SER A 25 -16.40 -3.18 -18.80
C SER A 25 -15.99 -3.06 -17.34
N HIS A 26 -16.97 -2.94 -16.43
CA HIS A 26 -16.65 -2.85 -15.01
C HIS A 26 -16.11 -4.16 -14.48
N TYR A 27 -16.62 -5.28 -14.97
CA TYR A 27 -16.23 -6.59 -14.45
C TYR A 27 -14.74 -6.86 -14.63
N ARG A 28 -14.06 -6.07 -15.44
CA ARG A 28 -12.62 -6.26 -15.60
C ARG A 28 -11.87 -6.01 -14.31
N VAL A 29 -12.38 -5.13 -13.45
CA VAL A 29 -11.69 -4.82 -12.20
C VAL A 29 -11.61 -6.03 -11.27
N HIS A 30 -12.51 -6.99 -11.44
CA HIS A 30 -12.49 -8.19 -10.60
C HIS A 30 -11.69 -9.32 -11.23
N THR A 31 -11.75 -9.45 -12.55
CA THR A 31 -11.07 -10.52 -13.26
C THR A 31 -9.69 -10.14 -13.76
N GLY A 32 -9.44 -8.84 -13.96
CA GLY A 32 -8.20 -8.39 -14.58
C GLY A 32 -8.16 -8.50 -16.09
N HIS A 33 -9.15 -9.16 -16.70
CA HIS A 33 -9.17 -9.31 -18.14
C HIS A 33 -9.23 -7.95 -18.82
N SER A 34 -8.31 -7.73 -19.78
CA SER A 34 -8.28 -6.54 -20.61
C SER A 34 -8.00 -5.25 -19.83
N LEU A 35 -7.43 -5.35 -18.65
CA LEU A 35 -6.99 -4.16 -17.93
C LEU A 35 -5.65 -3.68 -18.52
N PRO A 36 -5.31 -2.41 -18.35
CA PRO A 36 -4.01 -1.93 -18.79
C PRO A 36 -2.87 -2.77 -18.22
N GLU A 37 -2.05 -3.31 -19.11
CA GLU A 37 -1.01 -4.27 -18.75
C GLU A 37 0.35 -3.68 -19.07
N CYS A 38 1.25 -3.70 -18.07
CA CYS A 38 2.60 -3.21 -18.26
C CYS A 38 3.35 -4.11 -19.25
N SER A 39 4.03 -3.50 -20.22
CA SER A 39 4.76 -4.29 -21.20
C SER A 39 6.05 -4.88 -20.62
N HIS A 40 6.50 -4.38 -19.47
CA HIS A 40 7.76 -4.86 -18.89
CA HIS A 40 7.75 -4.87 -18.90
C HIS A 40 7.53 -6.10 -18.02
N CYS A 41 6.64 -5.99 -17.03
CA CYS A 41 6.39 -7.09 -16.10
C CYS A 41 5.06 -7.80 -16.32
N HIS A 42 4.17 -7.24 -17.14
CA HIS A 42 2.90 -7.85 -17.50
C HIS A 42 1.91 -7.92 -16.33
N ARG A 43 2.14 -7.15 -15.28
CA ARG A 43 1.11 -6.96 -14.26
C ARG A 43 0.11 -5.91 -14.75
N LYS A 44 -1.09 -5.96 -14.18
CA LYS A 44 -2.18 -5.15 -14.67
C LYS A 44 -2.63 -4.15 -13.62
N PHE A 45 -3.23 -3.05 -14.09
CA PHE A 45 -3.61 -1.93 -13.24
C PHE A 45 -4.97 -1.40 -13.68
N MET A 46 -5.60 -0.64 -12.78
CA MET A 46 -7.01 -0.30 -12.96
C MET A 46 -7.23 0.68 -14.10
N ASP A 47 -6.30 1.59 -14.35
CA ASP A 47 -6.40 2.49 -15.48
C ASP A 47 -4.99 2.84 -15.97
N VAL A 48 -4.94 3.55 -17.10
CA VAL A 48 -3.64 3.83 -17.72
C VAL A 48 -2.81 4.78 -16.87
N SER A 49 -3.45 5.62 -16.05
CA SER A 49 -2.68 6.50 -15.18
C SER A 49 -1.99 5.72 -14.07
N GLN A 50 -2.66 4.71 -13.52
CA GLN A 50 -2.01 3.87 -12.52
C GLN A 50 -0.88 3.07 -13.14
N LEU A 51 -1.03 2.68 -14.41
CA LEU A 51 0.04 1.99 -15.10
C LEU A 51 1.25 2.90 -15.30
N LYS A 52 1.00 4.16 -15.68
CA LYS A 52 2.09 5.11 -15.86
C LYS A 52 2.82 5.38 -14.56
N LYS A 53 2.10 5.44 -13.44
CA LYS A 53 2.75 5.54 -12.14
C LYS A 53 3.65 4.32 -11.90
N HIS A 54 3.14 3.13 -12.23
CA HIS A 54 3.89 1.91 -12.01
C HIS A 54 5.15 1.84 -12.86
N LEU A 55 5.14 2.50 -14.03
CA LEU A 55 6.29 2.44 -14.92
C LEU A 55 7.55 2.96 -14.24
N ARG A 56 7.42 3.89 -13.29
CA ARG A 56 8.58 4.43 -12.60
C ARG A 56 9.27 3.40 -11.73
N THR A 57 8.60 2.31 -11.38
CA THR A 57 9.26 1.24 -10.64
C THR A 57 10.33 0.57 -11.49
N HIS A 58 10.20 0.63 -12.81
CA HIS A 58 11.17 0.03 -13.71
C HIS A 58 12.25 1.01 -14.14
N THR A 59 11.94 2.30 -14.21
CA THR A 59 12.89 3.30 -14.65
C THR A 59 13.68 3.94 -13.52
N GLY A 60 13.18 3.86 -12.29
CA GLY A 60 13.81 4.56 -11.19
C GLY A 60 13.60 6.05 -11.17
N GLU A 61 12.69 6.57 -12.00
CA GLU A 61 12.43 8.00 -12.04
C GLU A 61 11.75 8.45 -10.75
N LYS A 62 12.25 9.54 -10.17
CA LYS A 62 11.68 10.13 -8.96
C LYS A 62 11.46 11.61 -9.24
N PRO A 63 10.30 11.97 -9.77
CA PRO A 63 10.08 13.34 -10.26
C PRO A 63 9.59 14.33 -9.22
N PHE A 64 9.54 13.96 -7.94
CA PHE A 64 9.04 14.84 -6.89
C PHE A 64 10.18 15.10 -5.90
N THR A 65 10.86 16.23 -6.07
CA THR A 65 12.05 16.56 -5.29
C THR A 65 11.70 17.52 -4.16
N CYS A 66 12.27 17.25 -2.99
CA CYS A 66 12.13 18.14 -1.84
C CYS A 66 13.05 19.34 -2.01
N GLU A 67 12.48 20.54 -1.96
CA GLU A 67 13.30 21.74 -2.11
C GLU A 67 14.11 22.07 -0.87
N ILE A 68 13.91 21.35 0.23
CA ILE A 68 14.64 21.63 1.47
C ILE A 68 15.95 20.86 1.51
N CYS A 69 15.92 19.55 1.23
CA CYS A 69 17.12 18.71 1.30
C CYS A 69 17.58 18.17 -0.03
N GLY A 70 16.77 18.25 -1.08
CA GLY A 70 17.18 17.81 -2.40
C GLY A 70 16.86 16.37 -2.74
N LYS A 71 16.34 15.59 -1.79
CA LYS A 71 15.99 14.20 -2.08
C LYS A 71 14.74 14.14 -2.95
N SER A 72 14.66 13.10 -3.77
CA SER A 72 13.57 12.93 -4.72
C SER A 72 12.75 11.70 -4.37
N PHE A 73 11.49 11.72 -4.78
CA PHE A 73 10.52 10.69 -4.41
C PHE A 73 9.71 10.27 -5.62
N THR A 74 9.23 9.02 -5.60
CA THR A 74 8.49 8.48 -6.73
C THR A 74 7.07 9.03 -6.81
N ALA A 75 6.51 9.51 -5.70
CA ALA A 75 5.14 10.00 -5.67
C ALA A 75 5.07 11.30 -4.89
N LYS A 76 4.15 12.17 -5.31
CA LYS A 76 3.99 13.45 -4.63
C LYS A 76 3.50 13.26 -3.20
N SER A 77 2.66 12.25 -2.97
CA SER A 77 2.19 11.97 -1.62
C SER A 77 3.35 11.63 -0.70
N SER A 78 4.35 10.89 -1.21
CA SER A 78 5.52 10.57 -0.41
C SER A 78 6.33 11.83 -0.10
N LEU A 79 6.46 12.73 -1.07
CA LEU A 79 7.14 14.00 -0.82
C LEU A 79 6.39 14.81 0.24
N GLN A 80 5.06 14.85 0.14
CA GLN A 80 4.25 15.58 1.11
C GLN A 80 4.47 15.02 2.52
N THR A 81 4.47 13.69 2.65
CA THR A 81 4.74 13.07 3.94
C THR A 81 6.16 13.39 4.42
N HIS A 82 7.13 13.39 3.49
CA HIS A 82 8.51 13.67 3.84
C HIS A 82 8.70 15.10 4.34
N ILE A 83 7.99 16.06 3.74
CA ILE A 83 8.14 17.46 4.12
C ILE A 83 7.74 17.68 5.57
N ARG A 84 6.77 16.90 6.06
CA ARG A 84 6.36 17.03 7.46
C ARG A 84 7.50 16.71 8.42
N ILE A 85 8.47 15.91 7.98
CA ILE A 85 9.63 15.61 8.82
C ILE A 85 10.45 16.88 9.07
N HIS A 86 10.72 17.63 8.01
CA HIS A 86 11.49 18.86 8.15
C HIS A 86 10.78 19.86 9.06
N ARG A 87 9.47 19.97 8.92
CA ARG A 87 8.69 20.96 9.66
C ARG A 87 8.24 20.47 11.03
N GLY A 88 8.61 19.25 11.42
CA GLY A 88 8.20 18.73 12.72
C GLY A 88 6.69 18.59 12.86
N GLU A 89 5.98 18.39 11.77
CA GLU A 89 4.53 18.33 11.77
C GLU A 89 4.09 16.89 12.00
N LYS A 90 3.46 16.63 13.16
CA LYS A 90 3.03 15.30 13.56
C LYS A 90 1.52 15.31 13.81
N PRO A 91 0.72 15.27 12.74
CA PRO A 91 -0.74 15.36 12.91
C PRO A 91 -1.41 14.06 13.30
N TYR A 92 -0.70 12.94 13.27
CA TYR A 92 -1.27 11.63 13.59
C TYR A 92 -0.85 11.25 15.01
N SER A 93 -1.82 10.97 15.86
CA SER A 93 -1.55 10.63 17.26
C SER A 93 -2.34 9.40 17.65
N CYS A 94 -1.75 8.58 18.51
CA CYS A 94 -2.45 7.43 19.08
C CYS A 94 -3.41 7.92 20.15
N SER A 95 -4.70 7.58 19.99
CA SER A 95 -5.70 8.00 20.96
C SER A 95 -5.53 7.31 22.31
N ILE A 96 -4.79 6.20 22.36
CA ILE A 96 -4.69 5.44 23.59
C ILE A 96 -3.59 6.00 24.50
N CYS A 97 -2.40 6.25 23.94
CA CYS A 97 -1.26 6.70 24.72
C CYS A 97 -0.76 8.10 24.37
N GLY A 98 -1.24 8.70 23.29
CA GLY A 98 -0.88 10.06 22.95
C GLY A 98 0.37 10.23 22.12
N LYS A 99 1.05 9.15 21.77
CA LYS A 99 2.25 9.25 20.94
C LYS A 99 1.87 9.78 19.55
N CYS A 100 2.63 10.75 19.07
N CYS A 100 2.63 10.76 19.07
CA CYS A 100 2.34 11.43 17.81
CA CYS A 100 2.33 11.43 17.81
C CYS A 100 3.36 11.05 16.75
C CYS A 100 3.36 11.08 16.76
N PHE A 101 2.94 11.13 15.49
CA PHE A 101 3.77 10.74 14.36
C PHE A 101 3.52 11.69 13.20
N SER A 102 4.58 11.91 12.40
CA SER A 102 4.43 12.58 11.11
C SER A 102 3.98 11.63 10.02
N ASP A 103 4.18 10.33 10.21
CA ASP A 103 3.87 9.31 9.20
C ASP A 103 2.59 8.60 9.61
N SER A 104 1.63 8.53 8.70
CA SER A 104 0.35 7.90 9.01
C SER A 104 0.48 6.41 9.20
N SER A 105 1.37 5.76 8.46
CA SER A 105 1.56 4.32 8.62
C SER A 105 2.31 3.99 9.91
N ALA A 106 3.24 4.84 10.34
CA ALA A 106 3.88 4.62 11.62
C ALA A 106 2.87 4.68 12.77
N LYS A 107 1.90 5.59 12.67
CA LYS A 107 0.86 5.67 13.69
C LYS A 107 -0.02 4.42 13.67
N ARG A 108 -0.47 4.03 12.48
CA ARG A 108 -1.32 2.84 12.39
C ARG A 108 -0.58 1.60 12.88
N ARG A 109 0.70 1.47 12.54
CA ARG A 109 1.48 0.34 12.99
C ARG A 109 1.64 0.33 14.51
N HIS A 110 1.81 1.52 15.09
CA HIS A 110 1.98 1.61 16.55
C HIS A 110 0.71 1.20 17.28
N CYS A 111 -0.45 1.65 16.80
CA CYS A 111 -1.69 1.42 17.51
C CYS A 111 -2.02 -0.07 17.65
N ILE A 112 -1.47 -0.90 16.77
CA ILE A 112 -1.69 -2.35 16.87
C ILE A 112 -1.09 -2.91 18.16
N LEU A 113 -0.03 -2.28 18.66
CA LEU A 113 0.66 -2.79 19.84
C LEU A 113 -0.24 -2.78 21.08
N HIS A 114 -1.22 -1.89 21.12
CA HIS A 114 -2.13 -1.85 22.26
C HIS A 114 -3.08 -3.05 22.28
N THR A 115 -3.22 -3.77 21.16
CA THR A 115 -4.06 -4.97 21.12
C THR A 115 -3.33 -6.19 21.66
N GLY A 116 -2.01 -6.17 21.70
CA GLY A 116 -1.23 -7.28 22.20
C GLY A 116 -1.12 -8.46 21.28
N LYS A 117 -1.63 -8.36 20.05
CA LYS A 117 -1.60 -9.49 19.13
C LYS A 117 -0.20 -9.70 18.59
N LYS A 118 0.24 -10.96 18.59
CA LYS A 118 1.53 -11.37 18.02
C LYS A 118 1.27 -12.53 17.08
N PRO A 119 0.79 -12.25 15.86
CA PRO A 119 0.34 -13.32 14.97
C PRO A 119 1.44 -13.96 14.15
N PHE A 120 2.71 -13.59 14.34
CA PHE A 120 3.82 -14.10 13.55
C PHE A 120 4.70 -14.96 14.44
N SER A 121 4.67 -16.27 14.24
CA SER A 121 5.33 -17.23 15.09
C SER A 121 6.50 -17.87 14.36
N CYS A 122 7.67 -17.89 14.99
CA CYS A 122 8.85 -18.48 14.39
C CYS A 122 8.63 -19.98 14.20
N PRO A 123 8.74 -20.51 12.98
CA PRO A 123 8.54 -21.95 12.78
C PRO A 123 9.64 -22.81 13.40
N GLU A 124 10.76 -22.22 13.81
CA GLU A 124 11.86 -22.99 14.38
C GLU A 124 11.78 -23.10 15.89
N CYS A 125 11.45 -22.00 16.59
CA CYS A 125 11.44 -22.01 18.05
C CYS A 125 10.12 -21.56 18.67
N GLY A 126 9.17 -21.05 17.89
CA GLY A 126 7.88 -20.68 18.41
C GLY A 126 7.78 -19.29 19.00
N LEU A 127 8.85 -18.50 18.94
CA LEU A 127 8.80 -17.14 19.46
C LEU A 127 7.84 -16.30 18.61
N GLN A 128 6.93 -15.60 19.27
CA GLN A 128 5.87 -14.86 18.59
C GLN A 128 6.22 -13.37 18.55
N PHE A 129 5.89 -12.74 17.42
CA PHE A 129 6.20 -11.34 17.19
C PHE A 129 4.95 -10.62 16.70
N ALA A 130 4.81 -9.36 17.13
CA ALA A 130 3.75 -8.50 16.62
C ALA A 130 4.03 -8.02 15.20
N ARG A 131 5.30 -8.00 14.80
CA ARG A 131 5.73 -7.45 13.52
C ARG A 131 6.37 -8.56 12.69
N LEU A 132 5.94 -8.67 11.43
CA LEU A 132 6.59 -9.61 10.53
C LEU A 132 8.05 -9.22 10.28
N ASP A 133 8.37 -7.93 10.37
CA ASP A 133 9.75 -7.48 10.25
C ASP A 133 10.64 -8.15 11.29
N ASN A 134 10.20 -8.15 12.55
CA ASN A 134 11.01 -8.72 13.61
C ASN A 134 11.16 -10.23 13.45
N LEU A 135 10.15 -10.91 12.89
CA LEU A 135 10.28 -12.34 12.64
C LEU A 135 11.30 -12.61 11.54
N LYS A 136 11.29 -11.81 10.47
CA LYS A 136 12.28 -11.98 9.41
C LYS A 136 13.70 -11.81 9.96
N ALA A 137 13.92 -10.75 10.74
CA ALA A 137 15.24 -10.54 11.32
C ALA A 137 15.59 -11.64 12.31
N HIS A 138 14.58 -12.14 13.04
CA HIS A 138 14.83 -13.22 14.00
C HIS A 138 15.27 -14.50 13.29
N LEU A 139 14.64 -14.80 12.16
CA LEU A 139 14.99 -16.03 11.44
C LEU A 139 16.40 -15.98 10.87
N LYS A 140 16.93 -14.78 10.61
CA LYS A 140 18.31 -14.67 10.18
C LYS A 140 19.28 -15.16 11.25
N ILE A 141 18.89 -15.05 12.53
CA ILE A 141 19.72 -15.57 13.61
C ILE A 141 19.78 -17.09 13.55
N HIS A 142 18.65 -17.73 13.23
CA HIS A 142 18.65 -19.18 13.05
C HIS A 142 19.53 -19.58 11.88
N SER A 143 19.50 -18.80 10.79
CA SER A 143 20.34 -19.08 9.64
C SER A 143 21.82 -18.94 9.99
N LYS A 144 22.15 -17.93 10.81
CA LYS A 144 23.54 -17.74 11.22
C LYS A 144 23.98 -18.85 12.18
N GLU A 145 23.08 -19.30 13.05
CA GLU A 145 23.41 -20.39 13.97
C GLU A 145 23.64 -21.69 13.22
N LYS A 146 22.88 -21.93 12.16
CA LYS A 146 23.04 -23.13 11.35
C LYS A 146 24.15 -22.93 10.30
ZN ZN D . -18.17 -5.31 -9.45
ZN ZN E . 5.73 -3.31 -14.88
ZN ZN F . 13.69 16.95 2.31
ZN ZN G . -0.29 4.31 21.65
ZN ZN H . 13.06 -18.71 16.33
C1 EDO I . 10.52 -23.64 7.18
O1 EDO I . 10.61 -23.64 8.60
C2 EDO I . 9.65 -24.80 6.72
O2 EDO I . 10.22 -26.04 7.14
C1 EDO J . 14.43 11.78 5.81
O1 EDO J . 15.05 12.12 4.56
C2 EDO J . 15.02 12.64 6.93
O2 EDO J . 14.82 14.02 6.61
C1 EDO K . 15.05 5.37 5.05
O1 EDO K . 15.52 4.94 3.77
C2 EDO K . 15.79 4.61 6.14
O2 EDO K . 15.22 4.96 7.42
#